data_6JCS
#
_entry.id   6JCS
#
_cell.length_a   1.00
_cell.length_b   1.00
_cell.length_c   1.00
_cell.angle_alpha   90.00
_cell.angle_beta   90.00
_cell.angle_gamma   90.00
#
_symmetry.space_group_name_H-M   'P 1'
#
loop_
_entity.id
_entity.type
_entity.pdbx_description
1 polymer 'Capsid protein'
2 polymer 'Dyslexia-associated protein KIAA0319-like protein'
#
loop_
_entity_poly.entity_id
_entity_poly.type
_entity_poly.pdbx_seq_one_letter_code
_entity_poly.pdbx_strand_id
1 'polypeptide(L)'
;DGVGNASGDWHCDSTWMGDRVVTKSTRTWVLPSYNNHQYREIKSGSVDGSNANAYFGYSTPWGYFDFNRFHSHWSPRDWQ
RLINNYWGFRPRSLRVKIFNIQVKEVTVQDSTTTIANNLTSTVQVFTDDDYQLPYVVGNGTEGCLPAFPPQVFTLPQYGY
ATLNRDNTENPTERSSFFCLEYFPSKMLRTGNNFEFTYNFEEVPFHSSFAPSQNLFKLANPLVDQYLYRFVSTNNTGGVQ
FNKNLAGRYANTYKNWFPGPMGRTQGWNLGSGVNRASVSAFATTNRMELEGASYQVPPQPNGMTNNLQGSNTYALENTMI
FNSQPANPGTTATYLEGNMLITSESETQPVNRVAYNVGGQMATNNQSSTTAPATGTYNLQEIVPGSVWMERDVYLQGPIW
AKIPETGAHFHPSPAMGGFGLKHPPPMMLIKNTPVPGNITSFSDVPVSSFITQYSTGQVTVEMEWELKKENSKRWNPEIQ
YTNNYNDPQFVDFAPDSTGEYRTTRPIGTRYLTRPL
;
A
2 'polypeptide(L)'
;VIKELVVSAGESVQITLPKNEVQLNAYVLQEPPKGETYTYDWQLITHPRDYSGEMEGKHSQILKLSKLTPGLYEFKVIVE
GQNAHGEGYVNVTVKPE
;
R
#
# COMPACT_ATOMS: atom_id res chain seq x y z
N ASP A 1 -10.69 -8.70 35.03
CA ASP A 1 -9.95 -9.36 36.10
C ASP A 1 -10.06 -10.88 35.98
N GLY A 2 -11.22 -11.34 35.52
CA GLY A 2 -11.47 -12.76 35.38
C GLY A 2 -12.13 -13.11 34.07
N VAL A 3 -12.56 -14.37 33.93
CA VAL A 3 -13.07 -14.85 32.65
C VAL A 3 -14.47 -14.33 32.36
N GLY A 4 -15.26 -14.06 33.39
CA GLY A 4 -16.62 -13.60 33.19
C GLY A 4 -16.81 -12.10 33.19
N ASN A 5 -15.76 -11.34 32.92
CA ASN A 5 -15.80 -9.88 32.97
C ASN A 5 -15.08 -9.34 31.75
N ALA A 6 -15.67 -8.32 31.13
CA ALA A 6 -15.06 -7.70 29.96
C ALA A 6 -13.83 -6.91 30.36
N SER A 7 -12.73 -7.14 29.65
CA SER A 7 -11.45 -6.51 29.95
C SER A 7 -11.21 -5.27 29.10
N GLY A 8 -12.25 -4.61 28.67
CA GLY A 8 -12.12 -3.42 27.85
C GLY A 8 -13.33 -3.28 26.94
N ASP A 9 -13.62 -2.05 26.57
CA ASP A 9 -14.82 -1.70 25.81
C ASP A 9 -14.44 -1.30 24.40
N TRP A 10 -15.44 -1.22 23.54
CA TRP A 10 -15.26 -0.90 22.12
C TRP A 10 -15.20 0.60 21.96
N HIS A 11 -14.01 1.15 21.80
CA HIS A 11 -13.84 2.56 21.49
C HIS A 11 -13.53 2.69 20.02
N CYS A 12 -14.40 3.36 19.28
CA CYS A 12 -14.17 3.57 17.85
C CYS A 12 -14.94 4.83 17.48
N ASP A 13 -14.24 5.94 17.36
CA ASP A 13 -14.86 7.25 17.26
C ASP A 13 -13.81 8.21 16.71
N SER A 14 -14.19 9.48 16.60
CA SER A 14 -13.24 10.56 16.36
C SER A 14 -13.81 11.82 16.98
N THR A 15 -12.93 12.65 17.54
CA THR A 15 -13.35 13.82 18.30
C THR A 15 -12.52 15.01 17.85
N TRP A 16 -13.06 15.77 16.91
CA TRP A 16 -12.43 16.99 16.43
C TRP A 16 -12.50 18.05 17.51
N MET A 17 -11.34 18.51 17.97
CA MET A 17 -11.28 19.49 19.06
C MET A 17 -10.35 20.64 18.66
N GLY A 18 -10.90 21.57 17.88
CA GLY A 18 -10.10 22.69 17.42
C GLY A 18 -9.07 22.30 16.40
N ASP A 19 -7.80 22.61 16.67
CA ASP A 19 -6.71 22.20 15.81
C ASP A 19 -6.08 20.89 16.28
N ARG A 20 -6.94 19.89 16.50
CA ARG A 20 -6.56 18.62 17.09
C ARG A 20 -7.70 17.65 16.91
N VAL A 21 -7.37 16.41 16.57
CA VAL A 21 -8.36 15.35 16.43
C VAL A 21 -7.79 14.04 16.95
N VAL A 22 -8.51 13.42 17.88
CA VAL A 22 -8.19 12.06 18.30
C VAL A 22 -9.04 11.13 17.45
N THR A 23 -8.47 10.00 17.06
CA THR A 23 -9.14 9.03 16.21
C THR A 23 -8.95 7.66 16.84
N LYS A 24 -9.98 7.17 17.51
CA LYS A 24 -9.97 5.84 18.09
C LYS A 24 -10.51 4.85 17.08
N SER A 25 -10.08 3.59 17.21
CA SER A 25 -10.49 2.55 16.27
C SER A 25 -10.26 1.20 16.91
N THR A 26 -11.33 0.47 17.21
CA THR A 26 -11.23 -0.88 17.69
C THR A 26 -11.44 -1.85 16.53
N ARG A 27 -10.60 -2.87 16.44
CA ARG A 27 -10.78 -3.94 15.47
C ARG A 27 -10.72 -5.28 16.19
N THR A 28 -11.19 -6.32 15.50
CA THR A 28 -11.15 -7.68 16.02
C THR A 28 -10.14 -8.47 15.21
N TRP A 29 -9.27 -9.20 15.88
CA TRP A 29 -8.19 -9.91 15.22
C TRP A 29 -8.22 -11.40 15.53
N VAL A 30 -7.58 -12.16 14.65
CA VAL A 30 -7.38 -13.60 14.80
C VAL A 30 -5.89 -13.87 14.70
N LEU A 31 -5.35 -14.66 15.61
CA LEU A 31 -3.92 -14.99 15.61
C LEU A 31 -3.75 -16.49 15.41
N PRO A 32 -3.35 -16.94 14.23
CA PRO A 32 -3.02 -18.35 14.07
C PRO A 32 -1.70 -18.69 14.75
N SER A 33 -1.55 -19.95 15.12
CA SER A 33 -0.27 -20.41 15.65
C SER A 33 0.64 -20.63 14.46
N TYR A 34 1.45 -19.62 14.14
CA TYR A 34 2.31 -19.68 12.97
C TYR A 34 3.49 -20.60 13.21
N ASN A 35 3.93 -21.25 12.14
CA ASN A 35 5.08 -22.17 12.06
C ASN A 35 4.97 -23.40 12.94
N ASN A 36 3.82 -23.63 13.59
CA ASN A 36 3.67 -24.58 14.70
C ASN A 36 4.73 -24.35 15.77
N HIS A 37 4.83 -23.08 16.20
CA HIS A 37 5.60 -22.65 17.38
C HIS A 37 7.11 -22.89 17.23
N GLN A 38 7.68 -22.47 16.10
CA GLN A 38 9.12 -22.64 15.95
C GLN A 38 9.68 -21.59 15.01
N TYR A 39 10.97 -21.37 15.14
CA TYR A 39 11.71 -20.49 14.24
C TYR A 39 12.16 -21.29 13.03
N ARG A 40 12.01 -20.72 11.85
CA ARG A 40 12.42 -21.38 10.64
C ARG A 40 13.35 -20.48 9.85
N GLU A 41 13.94 -21.07 8.82
CA GLU A 41 14.95 -20.45 7.99
C GLU A 41 14.36 -20.32 6.59
N ILE A 42 13.76 -19.18 6.29
CA ILE A 42 13.26 -18.92 4.96
C ILE A 42 14.38 -18.32 4.12
N LYS A 43 14.58 -18.86 2.93
CA LYS A 43 15.63 -18.39 2.06
C LYS A 43 15.23 -18.70 0.63
N SER A 44 15.74 -17.89 -0.30
CA SER A 44 15.41 -18.10 -1.70
C SER A 44 16.56 -17.60 -2.56
N GLY A 45 16.59 -18.09 -3.79
CA GLY A 45 17.54 -17.66 -4.79
C GLY A 45 16.91 -16.72 -5.79
N SER A 46 17.41 -16.75 -7.02
CA SER A 46 16.93 -15.86 -8.07
C SER A 46 15.64 -16.43 -8.65
N VAL A 47 14.51 -15.88 -8.22
CA VAL A 47 13.24 -16.15 -8.89
C VAL A 47 12.94 -14.98 -9.81
N ASP A 48 12.11 -15.25 -10.83
CA ASP A 48 11.82 -14.34 -11.95
C ASP A 48 13.09 -13.89 -12.68
N GLY A 49 14.11 -14.75 -12.71
CA GLY A 49 15.36 -14.45 -13.38
C GLY A 49 16.22 -13.37 -12.75
N SER A 50 15.83 -12.85 -11.59
CA SER A 50 16.52 -11.74 -10.95
C SER A 50 17.05 -12.18 -9.60
N ASN A 51 18.36 -12.01 -9.40
CA ASN A 51 18.97 -12.29 -8.11
C ASN A 51 18.75 -11.19 -7.08
N ALA A 52 17.99 -10.16 -7.42
CA ALA A 52 17.52 -9.20 -6.42
C ALA A 52 16.55 -9.85 -5.46
N ASN A 53 15.79 -10.85 -5.92
CA ASN A 53 14.79 -11.50 -5.10
C ASN A 53 15.40 -12.55 -4.18
N ALA A 54 16.70 -12.81 -4.30
CA ALA A 54 17.35 -13.76 -3.42
C ALA A 54 17.51 -13.14 -2.03
N TYR A 55 17.01 -13.83 -1.02
CA TYR A 55 17.09 -13.34 0.35
C TYR A 55 17.45 -14.51 1.26
N PHE A 56 17.96 -14.15 2.43
CA PHE A 56 18.09 -15.06 3.56
C PHE A 56 17.40 -14.43 4.75
N GLY A 57 16.65 -15.23 5.50
CA GLY A 57 16.01 -14.66 6.65
C GLY A 57 15.38 -15.71 7.53
N TYR A 58 14.62 -15.23 8.50
CA TYR A 58 13.99 -16.07 9.52
C TYR A 58 12.53 -15.71 9.65
N SER A 59 11.70 -16.73 9.87
CA SER A 59 10.27 -16.55 10.07
C SER A 59 9.90 -17.04 11.46
N THR A 60 9.27 -16.20 12.22
CA THR A 60 8.93 -16.41 13.60
C THR A 60 7.50 -16.90 13.73
N PRO A 61 7.12 -17.51 14.86
CA PRO A 61 5.71 -17.74 15.14
C PRO A 61 4.97 -16.50 15.63
N TRP A 62 5.67 -15.41 15.87
CA TRP A 62 5.06 -14.19 16.35
C TRP A 62 4.27 -13.54 15.23
N GLY A 63 3.09 -13.05 15.57
CA GLY A 63 2.36 -12.14 14.72
C GLY A 63 2.56 -10.73 15.20
N TYR A 64 2.09 -9.77 14.42
CA TYR A 64 2.28 -8.39 14.83
C TYR A 64 1.11 -7.53 14.42
N PHE A 65 1.04 -6.35 15.03
CA PHE A 65 -0.01 -5.36 14.75
C PHE A 65 0.55 -4.29 13.84
N ASP A 66 -0.09 -4.10 12.69
CA ASP A 66 0.33 -3.15 11.68
C ASP A 66 -0.81 -2.15 11.45
N PHE A 67 -0.89 -1.11 12.27
CA PHE A 67 -1.87 -0.06 12.03
C PHE A 67 -1.28 1.12 11.29
N ASN A 68 -0.34 0.85 10.38
CA ASN A 68 0.37 1.86 9.62
C ASN A 68 -0.28 2.11 8.27
N ARG A 69 -1.59 2.35 8.26
CA ARG A 69 -2.30 2.88 7.10
C ARG A 69 -3.31 3.89 7.59
N PHE A 70 -3.67 4.84 6.73
CA PHE A 70 -4.53 5.92 7.18
C PHE A 70 -5.98 5.51 7.34
N HIS A 71 -6.46 4.52 6.59
CA HIS A 71 -7.85 4.12 6.77
C HIS A 71 -8.08 3.29 8.02
N SER A 72 -7.01 2.84 8.69
CA SER A 72 -7.16 2.11 9.93
C SER A 72 -7.63 3.01 11.06
N HIS A 73 -7.52 4.32 10.91
CA HIS A 73 -7.88 5.28 11.92
C HIS A 73 -8.94 6.26 11.45
N TRP A 74 -9.09 6.46 10.15
CA TRP A 74 -9.91 7.51 9.58
C TRP A 74 -11.05 6.90 8.80
N SER A 75 -12.28 7.28 9.14
CA SER A 75 -13.39 7.03 8.26
C SER A 75 -13.27 7.96 7.06
N PRO A 76 -13.89 7.62 5.92
CA PRO A 76 -13.77 8.51 4.75
C PRO A 76 -14.49 9.83 4.90
N ARG A 77 -15.44 9.96 5.82
CA ARG A 77 -16.04 11.26 6.08
C ARG A 77 -15.12 12.12 6.94
N ASP A 78 -14.52 11.53 7.97
CA ASP A 78 -13.53 12.26 8.76
C ASP A 78 -12.24 12.50 7.98
N TRP A 79 -11.98 11.73 6.94
CA TRP A 79 -10.89 12.07 6.04
C TRP A 79 -11.27 13.23 5.15
N GLN A 80 -12.53 13.27 4.70
CA GLN A 80 -13.01 14.37 3.86
C GLN A 80 -13.04 15.68 4.63
N ARG A 81 -13.40 15.62 5.91
CA ARG A 81 -13.45 16.83 6.74
C ARG A 81 -12.05 17.34 7.04
N LEU A 82 -11.04 16.47 6.96
CA LEU A 82 -9.65 16.86 7.13
C LEU A 82 -9.09 17.55 5.91
N ILE A 83 -9.13 16.87 4.76
CA ILE A 83 -8.44 17.31 3.57
C ILE A 83 -9.14 18.44 2.85
N ASN A 84 -10.31 18.87 3.30
CA ASN A 84 -10.99 20.01 2.72
C ASN A 84 -11.01 21.21 3.63
N ASN A 85 -10.38 21.13 4.79
CA ASN A 85 -10.45 22.20 5.76
C ASN A 85 -9.10 22.60 6.33
N TYR A 86 -8.07 21.77 6.19
CA TYR A 86 -6.81 22.00 6.89
C TYR A 86 -5.66 21.91 5.91
N TRP A 87 -4.63 22.69 6.20
CA TRP A 87 -3.42 22.74 5.39
C TRP A 87 -2.37 21.74 5.82
N GLY A 88 -2.56 21.05 6.93
CA GLY A 88 -1.55 20.14 7.40
C GLY A 88 -2.06 19.33 8.57
N PHE A 89 -1.33 18.26 8.85
CA PHE A 89 -1.63 17.38 9.96
C PHE A 89 -0.39 16.55 10.23
N ARG A 90 -0.22 16.16 11.50
CA ARG A 90 0.86 15.28 11.88
C ARG A 90 0.42 14.56 13.14
N PRO A 91 0.88 13.32 13.35
CA PRO A 91 0.53 12.62 14.58
C PRO A 91 1.27 13.20 15.77
N ARG A 92 0.62 13.15 16.94
CA ARG A 92 1.25 13.58 18.17
C ARG A 92 1.45 12.43 19.15
N SER A 93 0.39 11.73 19.51
CA SER A 93 0.50 10.63 20.43
C SER A 93 -0.19 9.41 19.85
N LEU A 94 -0.19 8.35 20.63
CA LEU A 94 -0.65 7.03 20.23
C LEU A 94 -0.99 6.28 21.50
N ARG A 95 -2.00 5.42 21.42
CA ARG A 95 -2.36 4.61 22.57
C ARG A 95 -2.98 3.32 22.05
N VAL A 96 -2.23 2.23 22.15
CA VAL A 96 -2.67 0.93 21.70
C VAL A 96 -3.11 0.13 22.92
N LYS A 97 -4.16 -0.67 22.79
CA LYS A 97 -4.68 -1.40 23.94
C LYS A 97 -5.33 -2.68 23.45
N ILE A 98 -4.68 -3.81 23.73
CA ILE A 98 -5.16 -5.14 23.34
C ILE A 98 -5.99 -5.71 24.48
N PHE A 99 -7.18 -6.20 24.16
CA PHE A 99 -8.11 -6.59 25.22
C PHE A 99 -9.06 -7.66 24.70
N ASN A 100 -9.84 -8.23 25.63
CA ASN A 100 -10.74 -9.35 25.42
C ASN A 100 -10.07 -10.53 24.70
N ILE A 101 -8.94 -10.96 25.25
CA ILE A 101 -8.24 -12.11 24.69
C ILE A 101 -9.04 -13.37 24.99
N GLN A 102 -9.23 -14.20 23.97
CA GLN A 102 -9.79 -15.52 24.16
C GLN A 102 -9.13 -16.46 23.17
N VAL A 103 -8.71 -17.61 23.66
CA VAL A 103 -7.91 -18.55 22.90
C VAL A 103 -8.68 -19.85 22.75
N LYS A 104 -8.99 -20.21 21.51
CA LYS A 104 -9.72 -21.43 21.23
C LYS A 104 -8.73 -22.57 21.11
N GLU A 105 -9.23 -23.79 20.90
CA GLU A 105 -8.35 -24.92 20.62
C GLU A 105 -9.07 -25.86 19.67
N VAL A 106 -8.58 -25.91 18.43
CA VAL A 106 -9.17 -26.77 17.43
C VAL A 106 -8.72 -28.20 17.66
N THR A 107 -9.67 -29.14 17.63
CA THR A 107 -9.41 -30.55 17.90
C THR A 107 -10.10 -31.37 16.80
N VAL A 108 -9.38 -31.63 15.72
CA VAL A 108 -9.92 -32.39 14.59
C VAL A 108 -9.84 -33.87 14.96
N GLN A 109 -10.98 -34.45 15.31
CA GLN A 109 -11.09 -35.87 15.63
C GLN A 109 -12.15 -36.48 14.71
N ASP A 110 -11.69 -37.34 13.79
CA ASP A 110 -12.53 -38.01 12.78
C ASP A 110 -13.26 -36.97 11.92
N SER A 111 -12.51 -35.97 11.47
CA SER A 111 -12.94 -34.86 10.62
C SER A 111 -14.06 -34.03 11.24
N THR A 112 -14.23 -34.08 12.56
CA THR A 112 -15.20 -33.25 13.27
C THR A 112 -14.40 -32.23 14.07
N THR A 113 -14.11 -31.09 13.44
CA THR A 113 -13.29 -30.05 14.04
C THR A 113 -14.09 -29.31 15.11
N THR A 114 -13.98 -29.80 16.35
CA THR A 114 -14.60 -29.12 17.47
C THR A 114 -13.69 -28.00 17.94
N ILE A 115 -14.25 -26.81 18.10
CA ILE A 115 -13.48 -25.63 18.48
C ILE A 115 -14.03 -25.16 19.83
N ALA A 116 -13.28 -25.42 20.89
CA ALA A 116 -13.61 -24.99 22.24
C ALA A 116 -12.50 -24.10 22.76
N ASN A 117 -12.80 -23.33 23.78
CA ASN A 117 -11.81 -22.42 24.35
C ASN A 117 -11.24 -22.99 25.65
N ASN A 118 -9.93 -22.88 25.80
CA ASN A 118 -9.29 -23.18 27.07
C ASN A 118 -9.07 -21.89 27.85
N LEU A 119 -9.53 -21.89 29.09
CA LEU A 119 -9.45 -20.70 29.92
C LEU A 119 -8.05 -20.45 30.45
N THR A 120 -7.16 -21.42 30.34
CA THR A 120 -5.87 -21.39 31.02
C THR A 120 -4.73 -20.97 30.10
N SER A 121 -4.92 -21.04 28.79
CA SER A 121 -3.84 -20.74 27.86
C SER A 121 -3.60 -19.24 27.78
N THR A 122 -2.34 -18.88 27.60
CA THR A 122 -1.88 -17.50 27.63
C THR A 122 -1.50 -17.02 26.25
N VAL A 123 -1.20 -15.72 26.19
CA VAL A 123 -0.80 -15.01 24.99
C VAL A 123 0.32 -14.05 25.38
N GLN A 124 1.44 -14.11 24.68
CA GLN A 124 2.57 -13.23 24.92
C GLN A 124 2.46 -11.99 24.06
N VAL A 125 2.61 -10.81 24.66
CA VAL A 125 2.70 -9.56 23.91
C VAL A 125 3.88 -8.78 24.46
N PHE A 126 4.80 -8.38 23.60
CA PHE A 126 5.74 -7.35 23.97
C PHE A 126 5.76 -6.29 22.89
N THR A 127 6.29 -5.13 23.24
CA THR A 127 6.50 -4.05 22.29
C THR A 127 8.00 -3.76 22.23
N ASP A 128 8.48 -3.46 21.03
CA ASP A 128 9.92 -3.30 20.81
C ASP A 128 10.28 -1.82 20.75
N ASP A 129 10.40 -1.23 21.93
CA ASP A 129 10.56 0.21 22.08
C ASP A 129 12.00 0.64 22.28
N ASP A 130 12.95 -0.27 22.20
CA ASP A 130 14.36 0.07 22.07
C ASP A 130 14.87 -0.11 20.65
N TYR A 131 14.01 -0.61 19.75
CA TYR A 131 14.26 -0.73 18.31
C TYR A 131 15.42 -1.67 18.03
N GLN A 132 15.34 -2.86 18.61
CA GLN A 132 16.42 -3.83 18.53
C GLN A 132 16.17 -4.92 17.51
N LEU A 133 14.98 -5.08 17.06
CA LEU A 133 14.44 -5.97 16.05
C LEU A 133 14.47 -5.32 14.68
N PRO A 134 14.43 -6.10 13.60
CA PRO A 134 14.15 -5.52 12.29
C PRO A 134 12.74 -4.98 12.20
N TYR A 135 12.63 -3.67 12.05
CA TYR A 135 11.34 -3.01 11.95
C TYR A 135 10.80 -3.23 10.54
N VAL A 136 9.78 -4.08 10.42
CA VAL A 136 9.23 -4.43 9.11
C VAL A 136 7.87 -3.78 8.88
N VAL A 137 7.47 -2.85 9.73
CA VAL A 137 6.12 -2.30 9.68
C VAL A 137 5.96 -1.37 8.49
N GLY A 138 6.80 -0.34 8.41
CA GLY A 138 6.61 0.68 7.39
C GLY A 138 7.19 0.33 6.05
N ASN A 139 6.67 -0.72 5.42
CA ASN A 139 7.20 -1.16 4.13
C ASN A 139 6.12 -1.50 3.11
N GLY A 140 4.88 -1.12 3.38
CA GLY A 140 3.82 -1.34 2.42
C GLY A 140 3.38 -2.78 2.31
N THR A 141 3.37 -3.51 3.42
CA THR A 141 2.95 -4.89 3.43
C THR A 141 1.51 -4.99 3.91
N GLU A 142 0.91 -6.17 3.72
CA GLU A 142 -0.48 -6.41 4.05
C GLU A 142 -0.62 -6.65 5.56
N GLY A 143 -1.76 -7.17 5.96
CA GLY A 143 -1.99 -7.50 7.35
C GLY A 143 -2.35 -6.33 8.23
N CYS A 144 -2.81 -5.24 7.64
CA CYS A 144 -3.14 -4.06 8.41
C CYS A 144 -4.50 -4.21 9.08
N LEU A 145 -4.82 -3.26 9.96
CA LEU A 145 -6.19 -3.11 10.41
C LEU A 145 -7.07 -2.78 9.21
N PRO A 146 -8.27 -3.32 9.11
CA PRO A 146 -9.10 -3.05 7.95
C PRO A 146 -9.62 -1.63 7.94
N ALA A 147 -10.09 -1.23 6.76
CA ALA A 147 -10.65 0.10 6.60
C ALA A 147 -12.00 0.21 7.29
N PHE A 148 -12.73 -0.86 7.31
CA PHE A 148 -14.10 -0.98 7.74
C PHE A 148 -14.13 -1.66 9.11
N PRO A 149 -14.77 -1.05 10.11
CA PRO A 149 -14.62 -1.51 11.50
C PRO A 149 -15.17 -2.90 11.80
N PRO A 150 -16.30 -3.38 11.25
CA PRO A 150 -16.71 -4.74 11.57
C PRO A 150 -15.99 -5.85 10.81
N GLN A 151 -14.91 -5.55 10.10
CA GLN A 151 -14.12 -6.60 9.49
C GLN A 151 -13.12 -7.17 10.49
N VAL A 152 -12.97 -8.49 10.47
CA VAL A 152 -12.05 -9.19 11.34
C VAL A 152 -10.85 -9.59 10.50
N PHE A 153 -9.65 -9.24 10.95
CA PHE A 153 -8.44 -9.42 10.17
C PHE A 153 -7.52 -10.40 10.90
N THR A 154 -6.71 -11.10 10.15
CA THR A 154 -5.74 -12.02 10.73
C THR A 154 -4.38 -11.34 10.82
N LEU A 155 -3.67 -11.59 11.92
CA LEU A 155 -2.43 -10.89 12.17
C LEU A 155 -1.31 -11.46 11.31
N PRO A 156 -0.50 -10.62 10.67
CA PRO A 156 0.53 -11.12 9.77
C PRO A 156 1.69 -11.75 10.54
N GLN A 157 2.25 -12.80 9.95
CA GLN A 157 3.39 -13.48 10.56
C GLN A 157 4.64 -12.62 10.45
N TYR A 158 5.41 -12.56 11.54
CA TYR A 158 6.59 -11.72 11.58
C TYR A 158 7.79 -12.47 11.02
N GLY A 159 8.32 -11.99 9.90
CA GLY A 159 9.58 -12.45 9.39
C GLY A 159 10.47 -11.26 9.07
N TYR A 160 11.73 -11.56 8.76
CA TYR A 160 12.69 -10.53 8.43
C TYR A 160 13.78 -11.16 7.57
N ALA A 161 14.34 -10.38 6.66
CA ALA A 161 15.39 -10.85 5.78
C ALA A 161 16.70 -10.19 6.18
N THR A 162 17.66 -11.00 6.60
CA THR A 162 18.97 -10.52 6.98
C THR A 162 19.90 -10.54 5.76
N LEU A 163 21.18 -10.42 6.03
CA LEU A 163 22.17 -10.35 4.96
C LEU A 163 22.39 -11.73 4.35
N ASN A 164 22.18 -11.84 3.04
CA ASN A 164 22.58 -13.05 2.35
C ASN A 164 23.99 -12.88 1.81
N ARG A 165 24.49 -13.87 1.09
CA ARG A 165 25.86 -13.87 0.61
C ARG A 165 25.85 -13.99 -0.90
N ASP A 166 26.40 -12.97 -1.57
CA ASP A 166 26.74 -12.97 -2.99
C ASP A 166 25.50 -13.18 -3.87
N ASN A 167 24.37 -12.59 -3.43
CA ASN A 167 23.07 -12.68 -4.10
C ASN A 167 22.58 -14.11 -4.23
N THR A 168 22.90 -14.96 -3.25
CA THR A 168 22.39 -16.31 -3.15
C THR A 168 21.49 -16.42 -1.92
N GLU A 169 21.07 -17.63 -1.62
CA GLU A 169 20.27 -17.90 -0.43
C GLU A 169 21.11 -18.18 0.80
N ASN A 170 22.41 -18.21 0.67
CA ASN A 170 23.30 -18.57 1.75
C ASN A 170 23.61 -17.34 2.60
N PRO A 171 23.80 -17.52 3.90
CA PRO A 171 24.07 -16.37 4.75
C PRO A 171 25.52 -15.95 4.68
N THR A 172 25.79 -14.77 5.20
CA THR A 172 27.14 -14.30 5.45
C THR A 172 27.37 -14.34 6.95
N GLU A 173 28.61 -14.07 7.37
CA GLU A 173 28.93 -14.11 8.78
C GLU A 173 28.44 -12.88 9.53
N ARG A 174 27.94 -11.86 8.84
CA ARG A 174 27.28 -10.74 9.47
C ARG A 174 25.78 -10.95 9.61
N SER A 175 25.23 -12.03 9.06
CA SER A 175 23.80 -12.27 9.11
C SER A 175 23.40 -12.66 10.52
N SER A 176 22.41 -11.98 11.06
CA SER A 176 22.03 -12.13 12.45
C SER A 176 20.78 -12.97 12.60
N PHE A 177 20.50 -13.34 13.84
CA PHE A 177 19.28 -14.02 14.23
C PHE A 177 18.81 -13.41 15.53
N PHE A 178 17.59 -12.90 15.53
CA PHE A 178 16.97 -12.29 16.70
C PHE A 178 15.95 -13.28 17.24
N CYS A 179 16.22 -13.84 18.40
CA CYS A 179 15.20 -14.61 19.09
C CYS A 179 14.26 -13.63 19.77
N LEU A 180 12.97 -13.81 19.59
CA LEU A 180 11.99 -12.88 20.13
C LEU A 180 11.45 -13.31 21.48
N GLU A 181 11.80 -14.49 21.96
CA GLU A 181 11.54 -14.88 23.34
C GLU A 181 12.66 -14.47 24.26
N TYR A 182 13.69 -13.81 23.75
CA TYR A 182 14.72 -13.19 24.56
C TYR A 182 14.36 -11.74 24.89
N PHE A 183 13.15 -11.35 24.62
CA PHE A 183 12.58 -10.07 25.01
C PHE A 183 11.48 -10.28 26.03
N PRO A 184 11.41 -9.45 27.06
CA PRO A 184 10.41 -9.63 28.11
C PRO A 184 9.01 -9.29 27.60
N SER A 185 8.10 -10.25 27.71
CA SER A 185 6.77 -10.11 27.15
C SER A 185 5.73 -10.39 28.22
N LYS A 186 4.63 -9.65 28.19
CA LYS A 186 3.58 -9.82 29.17
C LYS A 186 2.70 -11.00 28.80
N MET A 187 2.56 -11.95 29.72
CA MET A 187 1.69 -13.10 29.54
C MET A 187 0.27 -12.65 29.78
N LEU A 188 -0.63 -12.91 28.83
CA LEU A 188 -2.01 -12.47 28.94
C LEU A 188 -2.93 -13.68 28.91
N ARG A 189 -3.69 -13.86 29.99
CA ARG A 189 -4.80 -14.81 30.04
C ARG A 189 -6.03 -14.19 29.39
N THR A 190 -7.19 -14.81 29.62
CA THR A 190 -8.42 -14.27 29.09
C THR A 190 -9.03 -13.16 29.93
N GLY A 191 -8.37 -12.75 31.02
CA GLY A 191 -8.88 -11.68 31.84
C GLY A 191 -7.91 -10.53 31.94
N ASN A 192 -6.84 -10.60 31.17
CA ASN A 192 -5.77 -9.62 31.20
C ASN A 192 -5.79 -8.78 29.93
N ASN A 193 -5.19 -7.60 30.00
CA ASN A 193 -5.09 -6.72 28.85
C ASN A 193 -3.71 -6.07 28.80
N PHE A 194 -3.38 -5.52 27.64
CA PHE A 194 -2.07 -4.94 27.37
C PHE A 194 -2.24 -3.51 26.89
N GLU A 195 -1.91 -2.54 27.73
CA GLU A 195 -1.93 -1.14 27.35
C GLU A 195 -0.55 -0.68 26.94
N PHE A 196 -0.50 0.39 26.14
CA PHE A 196 0.75 0.92 25.63
C PHE A 196 0.52 2.34 25.12
N THR A 197 1.36 3.27 25.56
CA THR A 197 1.30 4.66 25.13
C THR A 197 2.57 5.04 24.39
N TYR A 198 2.45 6.02 23.50
CA TYR A 198 3.57 6.45 22.68
C TYR A 198 3.36 7.90 22.26
N ASN A 199 4.43 8.70 22.33
CA ASN A 199 4.41 10.09 21.90
C ASN A 199 5.33 10.25 20.70
N PHE A 200 4.79 10.70 19.59
CA PHE A 200 5.57 10.92 18.38
C PHE A 200 6.56 12.05 18.56
N GLU A 201 7.69 11.94 17.86
CA GLU A 201 8.71 12.97 17.88
C GLU A 201 8.29 14.14 17.00
N GLU A 202 9.09 15.20 17.04
CA GLU A 202 8.81 16.41 16.28
C GLU A 202 9.02 16.15 14.79
N VAL A 203 7.93 16.14 14.03
CA VAL A 203 7.98 15.94 12.59
C VAL A 203 7.36 17.16 11.94
N PRO A 204 7.67 17.43 10.68
CA PRO A 204 6.95 18.50 9.99
C PRO A 204 5.54 18.08 9.66
N PHE A 205 4.66 19.08 9.55
CA PHE A 205 3.32 18.84 9.04
C PHE A 205 3.39 18.35 7.61
N HIS A 206 2.47 17.47 7.26
CA HIS A 206 2.31 17.09 5.87
C HIS A 206 1.62 18.22 5.13
N SER A 207 2.26 18.73 4.08
CA SER A 207 1.73 19.87 3.35
C SER A 207 0.54 19.48 2.49
N SER A 208 -0.65 19.46 3.08
CA SER A 208 -1.85 19.04 2.37
C SER A 208 -2.53 20.20 1.66
N PHE A 209 -1.79 20.89 0.82
CA PHE A 209 -2.32 21.98 0.00
C PHE A 209 -1.68 21.92 -1.37
N ALA A 210 -2.42 22.26 -2.35
CA ALA A 210 -1.84 22.34 -3.68
C ALA A 210 -1.31 23.74 -3.93
N PRO A 211 -0.32 23.93 -4.80
CA PRO A 211 0.13 25.29 -5.09
C PRO A 211 -0.85 26.04 -5.98
N SER A 212 -1.02 27.31 -5.68
CA SER A 212 -1.88 28.19 -6.46
C SER A 212 -1.13 28.94 -7.53
N GLN A 213 0.15 28.63 -7.74
CA GLN A 213 1.01 29.50 -8.49
C GLN A 213 2.22 28.69 -8.94
N ASN A 214 2.63 28.88 -10.19
CA ASN A 214 3.75 28.13 -10.74
C ASN A 214 5.06 28.61 -10.10
N LEU A 215 6.05 27.74 -10.13
CA LEU A 215 7.33 28.06 -9.50
C LEU A 215 8.14 29.02 -10.35
N PHE A 216 8.11 28.85 -11.67
CA PHE A 216 8.82 29.71 -12.59
C PHE A 216 8.00 30.92 -12.98
N LYS A 217 6.86 31.14 -12.36
CA LYS A 217 5.94 32.23 -12.65
C LYS A 217 5.57 32.94 -11.37
N LEU A 218 6.57 33.27 -10.56
CA LEU A 218 6.34 33.95 -9.29
C LEU A 218 6.48 35.45 -9.37
N ALA A 219 7.00 35.99 -10.47
CA ALA A 219 7.03 37.43 -10.65
C ALA A 219 5.65 37.93 -11.08
N ASN A 220 5.45 39.28 -10.97
CA ASN A 220 4.17 39.68 -11.53
C ASN A 220 4.30 39.97 -13.02
N PRO A 221 3.25 39.78 -13.81
CA PRO A 221 3.38 39.98 -15.26
C PRO A 221 3.13 41.42 -15.68
N LEU A 222 3.24 42.35 -14.74
CA LEU A 222 3.00 43.75 -15.00
C LEU A 222 4.28 44.57 -15.07
N VAL A 223 5.12 44.50 -14.05
CA VAL A 223 6.39 45.21 -14.06
C VAL A 223 7.48 44.24 -14.49
N ASP A 224 8.51 44.76 -15.12
CA ASP A 224 9.56 43.93 -15.70
C ASP A 224 10.85 44.04 -14.91
N GLN A 225 11.74 43.09 -15.13
CA GLN A 225 12.92 42.96 -14.29
C GLN A 225 14.01 43.94 -14.67
N TYR A 226 14.80 44.33 -13.68
CA TYR A 226 15.97 45.18 -13.88
C TYR A 226 17.21 44.40 -14.27
N LEU A 227 17.04 43.18 -14.79
CA LEU A 227 18.12 42.27 -15.13
C LEU A 227 18.00 41.94 -16.60
N TYR A 228 19.13 41.82 -17.27
CA TYR A 228 19.12 41.60 -18.70
C TYR A 228 19.59 40.18 -18.99
N ARG A 229 19.25 39.69 -20.17
CA ARG A 229 19.64 38.36 -20.58
C ARG A 229 20.45 38.43 -21.86
N PHE A 230 21.44 37.55 -21.98
CA PHE A 230 22.17 37.41 -23.21
C PHE A 230 21.27 36.77 -24.26
N VAL A 231 20.98 37.50 -25.33
CA VAL A 231 20.06 37.03 -26.35
C VAL A 231 20.79 36.48 -27.58
N SER A 232 21.84 37.14 -28.06
CA SER A 232 22.42 36.81 -29.35
C SER A 232 23.78 37.48 -29.48
N THR A 233 24.49 37.13 -30.54
CA THR A 233 25.72 37.80 -30.92
C THR A 233 25.56 38.37 -32.32
N ASN A 234 26.28 39.46 -32.59
CA ASN A 234 26.14 40.17 -33.86
C ASN A 234 26.94 39.50 -34.98
N ASN A 235 27.20 40.22 -36.06
CA ASN A 235 28.04 39.69 -37.12
C ASN A 235 29.48 39.48 -36.68
N THR A 236 29.93 40.20 -35.67
CA THR A 236 31.20 39.96 -35.00
C THR A 236 30.91 39.00 -33.84
N GLY A 237 31.82 38.83 -32.91
CA GLY A 237 31.50 38.02 -31.74
C GLY A 237 30.96 38.82 -30.59
N GLY A 238 30.48 40.04 -30.87
CA GLY A 238 30.04 40.92 -29.80
C GLY A 238 28.69 40.48 -29.26
N VAL A 239 28.61 40.37 -27.94
CA VAL A 239 27.40 39.90 -27.28
C VAL A 239 26.34 40.99 -27.30
N GLN A 240 25.08 40.57 -27.25
CA GLN A 240 23.94 41.48 -27.22
C GLN A 240 22.98 41.04 -26.12
N PHE A 241 22.27 42.02 -25.57
CA PHE A 241 21.47 41.83 -24.38
C PHE A 241 20.09 42.43 -24.59
N ASN A 242 19.09 41.83 -23.96
CA ASN A 242 17.74 42.37 -23.96
C ASN A 242 17.18 42.38 -22.54
N LYS A 243 16.29 43.33 -22.27
CA LYS A 243 15.66 43.42 -20.98
C LYS A 243 14.64 42.30 -20.82
N ASN A 244 14.61 41.70 -19.64
CA ASN A 244 13.58 40.72 -19.34
C ASN A 244 12.24 41.44 -19.19
N LEU A 245 11.31 41.18 -20.10
CA LEU A 245 10.04 41.89 -20.05
C LEU A 245 9.17 41.32 -18.93
N ALA A 246 7.92 41.80 -18.89
CA ALA A 246 7.11 41.68 -17.68
C ALA A 246 6.62 40.25 -17.47
N GLY A 247 5.83 39.73 -18.40
CA GLY A 247 5.25 38.41 -18.26
C GLY A 247 5.99 37.32 -19.00
N ARG A 248 7.22 37.58 -19.44
CA ARG A 248 7.97 36.61 -20.24
C ARG A 248 8.70 35.66 -19.29
N TYR A 249 7.96 34.72 -18.74
CA TYR A 249 8.52 33.83 -17.73
C TYR A 249 9.45 32.78 -18.30
N ALA A 250 9.54 32.64 -19.62
CA ALA A 250 10.44 31.65 -20.18
C ALA A 250 11.88 32.09 -20.13
N ASN A 251 12.14 33.36 -19.89
CA ASN A 251 13.49 33.86 -19.91
C ASN A 251 13.75 34.92 -18.84
N THR A 252 12.94 34.95 -17.80
CA THR A 252 13.26 35.77 -16.63
C THR A 252 14.35 35.10 -15.82
N TYR A 253 14.84 35.82 -14.82
CA TYR A 253 15.80 35.25 -13.89
C TYR A 253 15.05 34.55 -12.78
N LYS A 254 15.41 33.31 -12.53
CA LYS A 254 14.75 32.49 -11.52
C LYS A 254 15.56 32.48 -10.25
N ASN A 255 14.86 32.35 -9.14
CA ASN A 255 15.47 32.38 -7.83
C ASN A 255 15.37 31.04 -7.13
N TRP A 256 14.37 30.22 -7.47
CA TRP A 256 14.19 28.91 -6.88
C TRP A 256 14.04 27.89 -8.00
N PHE A 257 14.37 26.64 -7.71
CA PHE A 257 14.44 25.63 -8.76
C PHE A 257 13.67 24.39 -8.34
N PRO A 258 13.19 23.57 -9.31
CA PRO A 258 12.43 22.38 -8.94
C PRO A 258 13.25 21.29 -8.28
N GLY A 259 12.61 20.19 -7.91
CA GLY A 259 13.25 19.19 -7.12
C GLY A 259 14.06 18.21 -7.95
N PRO A 260 14.35 17.05 -7.37
CA PRO A 260 15.09 16.02 -8.09
C PRO A 260 14.28 15.44 -9.23
N MET A 261 14.97 14.70 -10.09
CA MET A 261 14.29 14.04 -11.19
C MET A 261 15.06 12.79 -11.57
N GLY A 262 14.32 11.75 -11.93
CA GLY A 262 14.84 10.66 -12.72
C GLY A 262 13.78 10.31 -13.73
N ARG A 263 14.10 10.38 -15.02
CA ARG A 263 13.09 10.20 -16.07
C ARG A 263 12.62 8.76 -16.09
N THR A 264 11.34 8.56 -15.78
CA THR A 264 10.71 7.26 -15.90
C THR A 264 9.91 7.19 -17.19
N GLN A 265 9.45 6.00 -17.52
CA GLN A 265 8.66 5.81 -18.73
C GLN A 265 7.21 6.18 -18.46
N GLY A 266 6.60 6.87 -19.42
CA GLY A 266 5.21 7.26 -19.29
C GLY A 266 4.28 6.44 -20.13
N TRP A 267 3.28 5.84 -19.50
CA TRP A 267 2.37 4.92 -20.15
C TRP A 267 0.97 5.52 -20.16
N ASN A 268 0.25 5.29 -21.24
CA ASN A 268 -1.04 5.91 -21.44
C ASN A 268 -2.14 5.02 -20.85
N LEU A 269 -2.92 5.58 -19.93
CA LEU A 269 -4.10 4.92 -19.42
C LEU A 269 -5.29 5.34 -20.29
N GLY A 270 -6.50 4.99 -19.85
CA GLY A 270 -7.71 5.38 -20.55
C GLY A 270 -7.84 4.76 -21.92
N SER A 271 -7.75 5.58 -22.97
CA SER A 271 -7.75 5.07 -24.33
C SER A 271 -6.42 4.39 -24.64
N GLY A 272 -5.33 5.16 -24.62
CA GLY A 272 -4.01 4.57 -24.72
C GLY A 272 -3.51 4.33 -26.12
N VAL A 273 -2.31 4.79 -26.41
CA VAL A 273 -1.64 4.48 -27.67
C VAL A 273 -0.33 3.82 -27.27
N ASN A 274 -0.40 3.00 -26.21
CA ASN A 274 0.79 2.36 -25.66
C ASN A 274 1.40 1.35 -26.64
N ARG A 275 2.65 1.02 -26.40
CA ARG A 275 3.33 0.02 -27.20
C ARG A 275 2.78 -1.36 -26.85
N ALA A 276 2.30 -2.09 -27.86
CA ALA A 276 1.64 -3.36 -27.62
C ALA A 276 2.66 -4.44 -27.31
N SER A 277 2.32 -5.31 -26.36
CA SER A 277 3.11 -6.46 -25.93
C SER A 277 4.49 -6.03 -25.44
N VAL A 278 4.50 -5.30 -24.33
CA VAL A 278 5.71 -4.91 -23.65
C VAL A 278 5.85 -5.75 -22.39
N SER A 279 6.94 -6.51 -22.31
CA SER A 279 7.39 -7.05 -21.03
C SER A 279 8.11 -5.91 -20.33
N ALA A 280 7.44 -5.28 -19.37
CA ALA A 280 7.88 -4.01 -18.84
C ALA A 280 8.93 -4.14 -17.74
N PHE A 281 9.62 -5.28 -17.64
CA PHE A 281 10.60 -5.45 -16.56
C PHE A 281 11.98 -4.92 -16.94
N ALA A 282 12.42 -5.19 -18.17
CA ALA A 282 13.82 -4.95 -18.52
C ALA A 282 14.14 -3.48 -18.74
N THR A 283 13.15 -2.60 -18.83
CA THR A 283 13.39 -1.19 -19.12
C THR A 283 13.01 -0.26 -17.99
N THR A 284 12.71 -0.78 -16.81
CA THR A 284 12.41 0.08 -15.68
C THR A 284 13.67 0.73 -15.13
N ASN A 285 13.47 1.79 -14.36
CA ASN A 285 14.56 2.39 -13.62
C ASN A 285 14.96 1.49 -12.49
N ARG A 286 16.22 1.05 -12.50
CA ARG A 286 16.78 0.23 -11.45
C ARG A 286 17.80 1.02 -10.66
N MET A 287 18.15 0.50 -9.49
CA MET A 287 19.11 1.12 -8.61
C MET A 287 19.92 -0.02 -8.00
N GLU A 288 21.06 -0.31 -8.61
CA GLU A 288 21.87 -1.47 -8.27
C GLU A 288 22.55 -1.26 -6.93
N LEU A 289 22.29 -2.16 -5.99
CA LEU A 289 22.75 -2.02 -4.60
C LEU A 289 23.47 -3.29 -4.17
N GLU A 290 24.81 -3.22 -4.15
CA GLU A 290 25.70 -4.25 -3.60
C GLU A 290 25.46 -5.60 -4.29
N GLY A 291 25.76 -5.61 -5.58
CA GLY A 291 25.48 -6.79 -6.37
C GLY A 291 24.32 -6.59 -7.33
N ALA A 292 23.14 -7.07 -6.94
CA ALA A 292 21.99 -7.12 -7.81
C ALA A 292 21.39 -5.73 -8.03
N SER A 293 20.46 -5.67 -8.99
CA SER A 293 19.76 -4.45 -9.37
C SER A 293 18.29 -4.57 -9.01
N TYR A 294 17.75 -3.53 -8.38
CA TYR A 294 16.42 -3.56 -7.81
C TYR A 294 15.54 -2.53 -8.52
N GLN A 295 14.32 -2.91 -8.86
CA GLN A 295 13.34 -1.89 -9.18
C GLN A 295 13.02 -1.10 -7.93
N VAL A 296 12.95 0.21 -8.06
CA VAL A 296 12.72 1.05 -6.89
C VAL A 296 11.44 1.91 -6.97
N PRO A 297 10.24 1.39 -7.19
CA PRO A 297 9.10 2.26 -7.23
C PRO A 297 8.63 2.58 -5.82
N PRO A 298 8.16 3.82 -5.57
CA PRO A 298 8.23 4.95 -6.49
C PRO A 298 9.59 5.61 -6.38
N GLN A 299 9.97 6.36 -7.40
CA GLN A 299 11.21 7.10 -7.40
C GLN A 299 11.17 8.19 -6.31
N PRO A 300 12.34 8.68 -5.86
CA PRO A 300 12.35 9.63 -4.73
C PRO A 300 11.63 10.94 -5.06
N ASN A 301 11.36 11.68 -3.98
CA ASN A 301 10.45 12.80 -4.02
C ASN A 301 10.99 13.93 -4.88
N GLY A 302 10.08 14.72 -5.43
CA GLY A 302 10.45 15.79 -6.31
C GLY A 302 9.97 15.65 -7.73
N MET A 303 9.16 14.66 -8.04
CA MET A 303 8.60 14.50 -9.37
C MET A 303 7.11 14.28 -9.30
N THR A 304 6.51 14.15 -10.47
CA THR A 304 5.11 13.82 -10.58
C THR A 304 4.88 13.04 -11.86
N ASN A 305 3.97 12.06 -11.79
CA ASN A 305 3.33 11.58 -13.00
C ASN A 305 2.18 12.51 -13.33
N ASN A 306 1.59 12.31 -14.53
CA ASN A 306 0.26 12.81 -14.86
C ASN A 306 0.10 14.32 -14.77
N LEU A 307 0.48 15.08 -15.80
CA LEU A 307 0.40 16.54 -15.76
C LEU A 307 -0.96 17.11 -15.35
N GLN A 308 -1.95 17.10 -16.25
CA GLN A 308 -3.29 17.55 -15.91
C GLN A 308 -4.29 17.14 -16.98
N GLY A 309 -5.23 16.26 -16.64
CA GLY A 309 -6.22 15.84 -17.61
C GLY A 309 -5.69 15.01 -18.76
N SER A 310 -4.44 14.56 -18.68
CA SER A 310 -3.85 13.70 -19.68
C SER A 310 -3.87 12.27 -19.17
N ASN A 311 -4.01 11.33 -20.10
CA ASN A 311 -4.08 9.93 -19.74
C ASN A 311 -2.72 9.25 -19.67
N THR A 312 -1.64 10.02 -19.83
CA THR A 312 -0.28 9.50 -19.71
C THR A 312 0.14 9.55 -18.25
N TYR A 313 0.42 8.38 -17.66
CA TYR A 313 0.98 8.34 -16.32
C TYR A 313 2.36 7.71 -16.37
N ALA A 314 3.19 8.09 -15.41
CA ALA A 314 4.44 7.39 -15.14
C ALA A 314 4.13 6.29 -14.13
N LEU A 315 3.96 5.07 -14.61
CA LEU A 315 3.50 3.99 -13.74
C LEU A 315 4.60 3.51 -12.81
N GLU A 316 5.86 3.82 -13.10
CA GLU A 316 6.95 3.51 -12.21
C GLU A 316 7.02 4.48 -11.03
N ASN A 317 6.41 5.65 -11.18
CA ASN A 317 6.47 6.73 -10.19
C ASN A 317 5.27 6.73 -9.25
N THR A 318 4.27 5.91 -9.50
CA THR A 318 3.00 6.05 -8.80
C THR A 318 2.78 4.94 -7.79
N MET A 319 1.75 5.15 -6.97
CA MET A 319 1.30 4.20 -5.96
C MET A 319 0.02 3.56 -6.45
N ILE A 320 0.04 2.26 -6.70
CA ILE A 320 -1.07 1.57 -7.35
C ILE A 320 -1.71 0.66 -6.32
N PHE A 321 -2.85 1.08 -5.79
CA PHE A 321 -3.58 0.26 -4.84
C PHE A 321 -4.60 -0.58 -5.57
N ASN A 322 -5.07 -1.64 -4.92
CA ASN A 322 -6.19 -2.40 -5.45
C ASN A 322 -7.46 -1.88 -4.81
N SER A 323 -8.59 -2.25 -5.40
CA SER A 323 -9.87 -1.82 -4.89
C SER A 323 -10.27 -2.61 -3.66
N GLN A 324 -9.99 -3.90 -3.67
CA GLN A 324 -10.27 -4.82 -2.59
C GLN A 324 -8.99 -5.54 -2.20
N PRO A 325 -8.91 -6.05 -0.96
CA PRO A 325 -7.78 -6.92 -0.61
C PRO A 325 -7.80 -8.20 -1.40
N ALA A 326 -6.61 -8.68 -1.74
CA ALA A 326 -6.46 -9.82 -2.63
C ALA A 326 -5.94 -11.03 -1.85
N ASN A 327 -6.10 -12.20 -2.46
CA ASN A 327 -5.58 -13.42 -1.88
C ASN A 327 -4.05 -13.40 -1.93
N PRO A 328 -3.38 -13.98 -0.94
CA PRO A 328 -1.91 -13.89 -0.92
C PRO A 328 -1.27 -14.77 -1.97
N GLY A 329 -0.21 -14.26 -2.58
CA GLY A 329 0.56 -15.02 -3.55
C GLY A 329 -0.10 -15.18 -4.90
N THR A 330 -0.90 -14.20 -5.31
CA THR A 330 -1.63 -14.30 -6.56
C THR A 330 -0.78 -13.81 -7.73
N THR A 331 -0.92 -14.48 -8.87
CA THR A 331 -0.22 -14.11 -10.09
C THR A 331 -1.19 -13.60 -11.14
N ALA A 332 -2.24 -12.93 -10.68
CA ALA A 332 -3.27 -12.42 -11.56
C ALA A 332 -2.78 -11.16 -12.27
N THR A 333 -3.13 -11.04 -13.54
CA THR A 333 -2.79 -9.86 -14.33
C THR A 333 -3.96 -8.90 -14.26
N TYR A 334 -3.93 -8.00 -13.28
CA TYR A 334 -4.97 -7.02 -13.13
C TYR A 334 -4.89 -5.98 -14.25
N LEU A 335 -6.01 -5.32 -14.50
CA LEU A 335 -6.08 -4.30 -15.52
C LEU A 335 -6.30 -2.94 -14.88
N GLU A 336 -6.55 -1.93 -15.72
CA GLU A 336 -6.78 -0.58 -15.25
C GLU A 336 -8.05 -0.48 -14.40
N GLY A 337 -9.08 -1.24 -14.78
CA GLY A 337 -10.35 -1.18 -14.09
C GLY A 337 -10.35 -1.78 -12.69
N ASN A 338 -9.33 -2.55 -12.34
CA ASN A 338 -9.25 -3.12 -11.01
C ASN A 338 -8.54 -2.21 -10.02
N MET A 339 -7.57 -1.44 -10.50
CA MET A 339 -6.60 -0.79 -9.64
C MET A 339 -7.07 0.62 -9.27
N LEU A 340 -6.36 1.19 -8.31
CA LEU A 340 -6.50 2.58 -7.89
C LEU A 340 -5.20 3.28 -8.28
N ILE A 341 -5.11 3.69 -9.53
CA ILE A 341 -3.91 4.32 -10.03
C ILE A 341 -3.96 5.80 -9.64
N THR A 342 -2.97 6.24 -8.90
CA THR A 342 -3.13 7.39 -8.03
C THR A 342 -2.26 8.54 -8.52
N SER A 343 -2.89 9.66 -8.85
CA SER A 343 -2.24 10.76 -9.54
C SER A 343 -1.59 11.74 -8.57
N GLU A 344 -0.49 12.35 -9.03
CA GLU A 344 0.18 13.42 -8.32
C GLU A 344 0.12 14.71 -9.13
N SER A 345 -0.99 14.93 -9.82
CA SER A 345 -1.13 16.08 -10.70
C SER A 345 -1.20 17.40 -9.95
N GLU A 346 -1.57 17.35 -8.67
CA GLU A 346 -1.76 18.56 -7.88
C GLU A 346 -0.44 19.28 -7.58
N THR A 347 0.70 18.61 -7.73
CA THR A 347 1.98 19.18 -7.38
C THR A 347 2.78 19.61 -8.58
N GLN A 348 2.20 19.58 -9.78
CA GLN A 348 2.90 20.00 -10.99
C GLN A 348 3.40 21.44 -11.10
N PRO A 349 2.90 22.47 -10.36
CA PRO A 349 3.60 23.76 -10.43
C PRO A 349 4.97 23.75 -9.78
N VAL A 350 5.29 22.80 -8.92
CA VAL A 350 6.56 22.77 -8.23
C VAL A 350 7.45 21.64 -8.71
N ASN A 351 6.87 20.46 -8.96
CA ASN A 351 7.65 19.30 -9.37
C ASN A 351 7.68 19.17 -10.88
N ARG A 352 8.73 18.51 -11.37
CA ARG A 352 8.89 18.21 -12.77
C ARG A 352 8.29 16.86 -13.09
N VAL A 353 7.80 16.71 -14.30
CA VAL A 353 7.16 15.46 -14.68
C VAL A 353 8.22 14.41 -15.00
N ALA A 354 7.86 13.16 -14.75
CA ALA A 354 8.81 12.06 -14.77
C ALA A 354 8.95 11.41 -16.12
N TYR A 355 8.07 11.70 -17.06
CA TYR A 355 8.20 11.16 -18.42
C TYR A 355 8.67 12.22 -19.40
N ASN A 356 9.34 13.25 -18.93
CA ASN A 356 9.92 14.28 -19.78
C ASN A 356 11.29 14.66 -19.24
N VAL A 357 12.15 15.15 -20.13
CA VAL A 357 13.47 15.61 -19.72
C VAL A 357 13.36 16.92 -18.96
N GLY A 358 14.23 17.10 -17.98
CA GLY A 358 14.10 18.23 -17.07
C GLY A 358 14.67 19.51 -17.61
N GLY A 359 15.71 19.41 -18.43
CA GLY A 359 16.28 20.59 -19.02
C GLY A 359 17.37 20.25 -20.00
N GLN A 360 18.29 21.19 -20.22
CA GLN A 360 19.40 20.98 -21.12
C GLN A 360 20.55 21.86 -20.67
N MET A 361 21.77 21.38 -20.90
CA MET A 361 22.97 22.11 -20.51
C MET A 361 23.95 22.09 -21.67
N ALA A 362 24.87 23.05 -21.64
CA ALA A 362 25.82 23.22 -22.74
C ALA A 362 26.83 22.09 -22.76
N THR A 363 27.04 21.53 -23.95
CA THR A 363 27.90 20.37 -24.10
C THR A 363 29.30 20.70 -24.59
N ASN A 364 29.47 21.81 -25.32
CA ASN A 364 30.78 22.20 -25.81
C ASN A 364 31.04 23.67 -25.49
N ASN A 365 32.29 24.08 -25.70
CA ASN A 365 32.64 25.50 -25.68
C ASN A 365 32.58 26.05 -27.10
N GLN A 366 31.83 27.12 -27.29
CA GLN A 366 31.65 27.73 -28.59
C GLN A 366 32.92 28.45 -29.03
N SER A 367 32.94 28.81 -30.31
CA SER A 367 34.07 29.50 -30.91
C SER A 367 33.58 30.13 -32.21
N SER A 368 34.51 30.70 -32.98
CA SER A 368 34.18 31.10 -34.34
C SER A 368 34.01 29.89 -35.26
N THR A 369 34.51 28.73 -34.86
CA THR A 369 34.40 27.50 -35.62
C THR A 369 33.25 26.63 -35.15
N THR A 370 33.15 26.40 -33.85
CA THR A 370 32.13 25.53 -33.28
C THR A 370 30.96 26.36 -32.78
N ALA A 371 29.75 25.97 -33.18
CA ALA A 371 28.53 26.59 -32.73
C ALA A 371 28.15 26.05 -31.35
N PRO A 372 27.38 26.82 -30.56
CA PRO A 372 26.91 26.31 -29.28
C PRO A 372 25.96 25.14 -29.44
N ALA A 373 26.09 24.16 -28.55
CA ALA A 373 25.24 22.98 -28.56
C ALA A 373 24.85 22.63 -27.13
N THR A 374 23.60 22.21 -26.95
CA THR A 374 23.10 21.78 -25.66
C THR A 374 22.68 20.31 -25.73
N GLY A 375 22.54 19.71 -24.56
CA GLY A 375 22.12 18.33 -24.46
C GLY A 375 21.17 18.10 -23.32
N THR A 376 20.08 17.38 -23.58
CA THR A 376 19.08 17.12 -22.55
C THR A 376 19.59 16.05 -21.58
N TYR A 377 19.32 16.26 -20.31
CA TYR A 377 19.63 15.27 -19.29
C TYR A 377 18.36 14.61 -18.79
N ASN A 378 18.50 13.36 -18.37
CA ASN A 378 17.37 12.58 -17.90
C ASN A 378 17.25 12.53 -16.39
N LEU A 379 18.25 13.03 -15.66
CA LEU A 379 18.17 13.03 -14.21
C LEU A 379 19.01 14.16 -13.63
N GLN A 380 18.46 14.82 -12.62
CA GLN A 380 19.16 15.87 -11.90
C GLN A 380 18.83 15.72 -10.43
N GLU A 381 19.85 15.73 -9.60
CA GLU A 381 19.73 15.52 -8.17
C GLU A 381 19.60 16.88 -7.46
N ILE A 382 19.84 16.90 -6.15
CA ILE A 382 19.66 18.11 -5.35
C ILE A 382 20.65 19.19 -5.76
N VAL A 383 20.12 20.37 -6.06
CA VAL A 383 20.86 21.59 -6.37
C VAL A 383 20.56 22.54 -5.21
N PRO A 384 21.53 23.32 -4.72
CA PRO A 384 21.20 24.29 -3.65
C PRO A 384 20.27 25.38 -4.16
N GLY A 385 19.24 25.66 -3.37
CA GLY A 385 18.17 26.50 -3.83
C GLY A 385 17.01 25.75 -4.46
N SER A 386 16.93 24.44 -4.27
CA SER A 386 15.82 23.67 -4.81
C SER A 386 14.63 23.76 -3.89
N VAL A 387 13.46 23.49 -4.47
CA VAL A 387 12.21 23.35 -3.71
C VAL A 387 11.30 22.39 -4.46
N TRP A 388 10.82 21.37 -3.75
CA TRP A 388 9.94 20.36 -4.31
C TRP A 388 8.78 20.18 -3.35
N MET A 389 7.85 19.31 -3.70
CA MET A 389 6.81 18.92 -2.78
C MET A 389 6.91 17.44 -2.46
N GLU A 390 6.55 17.10 -1.23
CA GLU A 390 6.61 15.74 -0.75
C GLU A 390 5.51 14.91 -1.39
N ARG A 391 5.61 13.60 -1.23
CA ARG A 391 4.60 12.69 -1.77
C ARG A 391 3.30 12.86 -1.00
N ASP A 392 2.19 12.87 -1.74
CA ASP A 392 0.89 12.99 -1.13
C ASP A 392 0.56 11.72 -0.35
N VAL A 393 -0.03 11.88 0.80
CA VAL A 393 -0.50 10.73 1.54
C VAL A 393 -1.93 10.47 1.13
N TYR A 394 -2.38 9.22 1.26
CA TYR A 394 -3.69 8.83 0.80
C TYR A 394 -4.42 8.14 1.93
N LEU A 395 -5.73 7.99 1.76
CA LEU A 395 -6.51 7.27 2.76
C LEU A 395 -6.14 5.81 2.80
N GLN A 396 -5.65 5.27 1.70
CA GLN A 396 -5.32 3.85 1.58
C GLN A 396 -3.83 3.59 1.71
N GLY A 397 -3.05 4.54 2.21
CA GLY A 397 -1.61 4.44 2.15
C GLY A 397 -0.96 4.57 3.51
N PRO A 398 0.36 4.41 3.56
CA PRO A 398 1.05 4.27 4.85
C PRO A 398 1.19 5.59 5.58
N ILE A 399 1.22 5.52 6.90
CA ILE A 399 1.35 6.70 7.71
C ILE A 399 2.80 7.07 7.93
N TRP A 400 3.63 6.13 8.37
CA TRP A 400 5.00 6.46 8.69
C TRP A 400 5.95 5.47 8.06
N ALA A 401 7.23 5.68 8.32
CA ALA A 401 8.30 4.73 7.99
C ALA A 401 9.45 5.01 8.94
N LYS A 402 10.30 4.01 9.13
CA LYS A 402 11.47 4.16 9.96
C LYS A 402 12.67 4.53 9.10
N ILE A 403 13.39 5.57 9.49
CA ILE A 403 14.68 5.86 8.85
C ILE A 403 15.64 4.74 9.19
N PRO A 404 16.39 4.21 8.21
CA PRO A 404 17.34 3.14 8.54
C PRO A 404 18.45 3.64 9.45
N GLU A 405 18.85 2.80 10.40
CA GLU A 405 19.92 3.17 11.31
C GLU A 405 21.24 2.99 10.58
N THR A 406 21.57 3.98 9.78
CA THR A 406 22.85 4.15 9.12
C THR A 406 23.57 5.32 9.77
N GLY A 407 24.69 5.72 9.20
CA GLY A 407 25.35 6.90 9.67
C GLY A 407 24.57 8.16 9.37
N ALA A 408 24.43 8.48 8.09
CA ALA A 408 23.86 9.74 7.68
C ALA A 408 22.72 9.53 6.71
N HIS A 409 21.97 10.60 6.46
CA HIS A 409 20.86 10.61 5.52
C HIS A 409 20.60 12.03 5.07
N PHE A 410 19.97 12.16 3.92
CA PHE A 410 19.43 13.43 3.43
C PHE A 410 17.92 13.37 3.56
N HIS A 411 17.30 14.57 3.80
CA HIS A 411 16.07 14.84 4.56
C HIS A 411 15.01 13.77 4.36
N PRO A 412 14.64 13.09 5.42
CA PRO A 412 14.07 11.75 5.29
C PRO A 412 12.57 11.72 5.05
N SER A 413 12.16 12.23 3.91
CA SER A 413 10.80 12.02 3.48
C SER A 413 10.72 10.68 2.80
N PRO A 414 9.87 9.76 3.25
CA PRO A 414 9.77 8.45 2.61
C PRO A 414 9.22 8.56 1.22
N ALA A 415 9.76 7.74 0.31
CA ALA A 415 9.37 7.81 -1.08
C ALA A 415 7.94 7.36 -1.29
N MET A 416 7.44 6.46 -0.43
CA MET A 416 6.07 6.01 -0.49
C MET A 416 5.10 6.98 0.15
N GLY A 417 5.56 8.14 0.59
CA GLY A 417 4.70 9.08 1.28
C GLY A 417 4.59 8.79 2.76
N GLY A 418 4.25 9.83 3.51
CA GLY A 418 4.05 9.71 4.93
C GLY A 418 5.08 10.49 5.72
N PHE A 419 5.34 10.02 6.92
CA PHE A 419 6.17 10.71 7.90
C PHE A 419 7.42 9.87 8.16
N GLY A 420 8.57 10.40 7.82
CA GLY A 420 9.80 9.71 8.14
C GLY A 420 10.13 9.85 9.60
N LEU A 421 10.07 8.75 10.34
CA LEU A 421 10.30 8.75 11.78
C LEU A 421 11.62 8.09 12.11
N LYS A 422 12.37 8.70 13.00
CA LYS A 422 13.59 8.08 13.48
C LYS A 422 13.29 7.03 14.53
N HIS A 423 12.36 7.33 15.44
CA HIS A 423 11.90 6.43 16.47
C HIS A 423 10.41 6.23 16.23
N PRO A 424 10.04 5.29 15.36
CA PRO A 424 8.64 5.12 14.98
C PRO A 424 7.86 4.44 16.11
N PRO A 425 6.54 4.29 15.97
CA PRO A 425 5.80 3.49 16.93
C PRO A 425 6.32 2.07 17.01
N PRO A 426 6.60 1.60 18.22
CA PRO A 426 7.25 0.31 18.39
C PRO A 426 6.37 -0.83 17.93
N MET A 427 6.99 -1.86 17.43
CA MET A 427 6.29 -2.93 16.75
C MET A 427 5.75 -3.90 17.80
N MET A 428 4.43 -3.98 17.91
CA MET A 428 3.77 -4.83 18.90
C MET A 428 3.73 -6.27 18.38
N LEU A 429 4.60 -7.11 18.91
CA LEU A 429 4.65 -8.50 18.54
C LEU A 429 3.75 -9.31 19.47
N ILE A 430 3.22 -10.41 18.97
CA ILE A 430 2.27 -11.22 19.73
C ILE A 430 2.29 -12.65 19.19
N LYS A 431 2.23 -13.61 20.12
CA LYS A 431 2.11 -15.01 19.73
C LYS A 431 1.28 -15.74 20.76
N ASN A 432 0.87 -16.96 20.41
CA ASN A 432 0.25 -17.89 21.33
C ASN A 432 1.36 -18.68 22.02
N THR A 433 1.27 -18.82 23.34
CA THR A 433 2.23 -19.67 24.03
C THR A 433 1.98 -21.13 23.66
N PRO A 434 3.03 -21.93 23.48
CA PRO A 434 2.84 -23.33 23.11
C PRO A 434 2.36 -24.15 24.29
N VAL A 435 1.27 -24.86 24.08
CA VAL A 435 0.74 -25.83 25.03
C VAL A 435 1.07 -27.22 24.50
N PRO A 436 1.87 -28.01 25.21
CA PRO A 436 2.26 -29.33 24.68
C PRO A 436 1.11 -30.31 24.73
N GLY A 437 1.21 -31.34 23.90
CA GLY A 437 0.18 -32.34 23.81
C GLY A 437 0.30 -33.41 24.87
N ASN A 438 0.27 -34.67 24.46
CA ASN A 438 0.46 -35.80 25.38
C ASN A 438 1.92 -36.21 25.29
N ILE A 439 2.69 -35.85 26.32
CA ILE A 439 4.08 -36.27 26.44
C ILE A 439 4.18 -37.12 27.70
N THR A 440 4.50 -38.39 27.54
CA THR A 440 4.46 -39.35 28.62
C THR A 440 5.83 -39.78 29.13
N SER A 441 6.89 -39.43 28.43
CA SER A 441 8.24 -39.83 28.83
C SER A 441 9.18 -38.65 28.66
N PHE A 442 10.32 -38.73 29.35
CA PHE A 442 11.36 -37.71 29.24
C PHE A 442 12.24 -37.99 28.04
N SER A 443 12.50 -36.96 27.25
CA SER A 443 13.48 -37.01 26.19
C SER A 443 14.15 -35.65 26.12
N ASP A 444 15.44 -35.63 25.81
CA ASP A 444 16.18 -34.38 25.78
C ASP A 444 15.87 -33.57 24.53
N VAL A 445 15.32 -34.19 23.49
CA VAL A 445 14.86 -33.44 22.32
C VAL A 445 13.64 -32.60 22.72
N PRO A 446 13.51 -31.37 22.23
CA PRO A 446 12.36 -30.56 22.63
C PRO A 446 11.05 -31.05 22.04
N VAL A 447 9.97 -30.65 22.71
CA VAL A 447 8.62 -31.04 22.34
C VAL A 447 8.26 -30.47 20.97
N SER A 448 7.78 -31.34 20.08
CA SER A 448 7.31 -30.92 18.77
C SER A 448 5.83 -31.20 18.55
N SER A 449 5.14 -31.82 19.49
CA SER A 449 3.71 -32.06 19.39
C SER A 449 3.00 -31.10 20.35
N PHE A 450 2.16 -30.25 19.80
CA PHE A 450 1.48 -29.21 20.56
C PHE A 450 -0.02 -29.34 20.38
N ILE A 451 -0.75 -28.70 21.30
CA ILE A 451 -2.18 -28.52 21.13
C ILE A 451 -2.36 -27.44 20.08
N THR A 452 -2.94 -27.80 18.93
CA THR A 452 -3.18 -26.82 17.88
C THR A 452 -4.27 -25.84 18.30
N GLN A 453 -3.96 -24.56 18.24
CA GLN A 453 -4.84 -23.57 18.83
C GLN A 453 -4.58 -22.22 18.21
N TYR A 454 -5.59 -21.36 18.29
CA TYR A 454 -5.48 -19.98 17.87
C TYR A 454 -6.10 -19.11 18.96
N SER A 455 -5.78 -17.83 18.94
CA SER A 455 -6.41 -16.89 19.84
C SER A 455 -7.02 -15.75 19.03
N THR A 456 -7.96 -15.07 19.66
CA THR A 456 -8.63 -13.94 19.05
C THR A 456 -8.93 -12.92 20.12
N GLY A 457 -9.30 -11.72 19.70
CA GLY A 457 -9.53 -10.64 20.64
C GLY A 457 -9.65 -9.33 19.92
N GLN A 458 -9.77 -8.26 20.71
CA GLN A 458 -9.87 -6.93 20.16
C GLN A 458 -8.64 -6.10 20.48
N VAL A 459 -8.39 -5.11 19.63
CA VAL A 459 -7.31 -4.14 19.80
C VAL A 459 -7.87 -2.77 19.47
N THR A 460 -7.56 -1.79 20.29
CA THR A 460 -7.95 -0.42 19.98
C THR A 460 -6.71 0.45 19.87
N VAL A 461 -6.73 1.35 18.90
CA VAL A 461 -5.62 2.26 18.63
C VAL A 461 -6.17 3.67 18.67
N GLU A 462 -5.60 4.50 19.51
CA GLU A 462 -6.06 5.87 19.72
C GLU A 462 -4.94 6.81 19.31
N MET A 463 -4.99 7.32 18.09
CA MET A 463 -4.00 8.30 17.71
C MET A 463 -4.51 9.70 18.00
N GLU A 464 -3.61 10.67 17.89
CA GLU A 464 -3.92 12.07 18.14
C GLU A 464 -3.14 12.90 17.16
N TRP A 465 -3.80 13.86 16.53
CA TRP A 465 -3.29 14.52 15.34
C TRP A 465 -3.34 16.02 15.55
N GLU A 466 -2.19 16.69 15.44
CA GLU A 466 -2.15 18.15 15.46
C GLU A 466 -2.36 18.64 14.05
N LEU A 467 -3.23 19.62 13.89
CA LEU A 467 -3.68 20.06 12.59
C LEU A 467 -3.29 21.51 12.32
N LYS A 468 -2.97 21.79 11.07
CA LYS A 468 -2.61 23.13 10.64
C LYS A 468 -3.83 23.76 9.99
N LYS A 469 -4.30 24.86 10.57
CA LYS A 469 -5.56 25.44 10.16
C LYS A 469 -5.39 26.25 8.88
N GLU A 470 -6.40 26.18 8.02
CA GLU A 470 -6.38 26.92 6.76
C GLU A 470 -6.64 28.40 7.00
N ASN A 471 -5.86 29.25 6.35
CA ASN A 471 -6.02 30.69 6.53
C ASN A 471 -5.62 31.38 5.23
N SER A 472 -6.59 31.55 4.33
CA SER A 472 -6.33 32.13 3.02
C SER A 472 -7.35 33.21 2.71
N LYS A 473 -6.88 34.25 2.02
CA LYS A 473 -7.74 35.32 1.55
C LYS A 473 -8.14 35.12 0.09
N ARG A 474 -8.11 33.88 -0.38
CA ARG A 474 -8.66 33.52 -1.68
C ARG A 474 -10.14 33.85 -1.74
N TRP A 475 -10.57 34.40 -2.87
CA TRP A 475 -11.95 34.88 -2.99
C TRP A 475 -12.89 33.79 -3.52
N ASN A 476 -12.56 33.17 -4.64
CA ASN A 476 -13.44 32.22 -5.28
C ASN A 476 -13.47 30.89 -4.51
N PRO A 477 -14.48 30.05 -4.72
CA PRO A 477 -14.49 28.75 -4.06
C PRO A 477 -13.41 27.82 -4.61
N GLU A 478 -13.06 26.84 -3.79
CA GLU A 478 -12.00 25.91 -4.11
C GLU A 478 -12.56 24.60 -4.64
N ILE A 479 -11.66 23.78 -5.16
CA ILE A 479 -11.97 22.38 -5.40
C ILE A 479 -11.85 21.62 -4.10
N GLN A 480 -12.81 20.76 -3.84
CA GLN A 480 -12.82 19.95 -2.63
C GLN A 480 -13.28 18.55 -3.00
N TYR A 481 -13.02 17.61 -2.10
CA TYR A 481 -13.42 16.23 -2.35
C TYR A 481 -14.92 16.12 -2.16
N THR A 482 -15.65 16.17 -3.25
CA THR A 482 -17.09 15.95 -3.20
C THR A 482 -17.42 14.52 -3.62
N ASN A 483 -18.58 14.07 -3.18
CA ASN A 483 -19.11 12.73 -3.47
C ASN A 483 -19.83 12.80 -4.82
N ASN A 484 -19.06 12.81 -5.90
CA ASN A 484 -19.60 13.07 -7.23
C ASN A 484 -19.56 11.82 -8.09
N TYR A 485 -20.68 11.11 -8.14
CA TYR A 485 -20.84 9.96 -9.01
C TYR A 485 -22.04 10.17 -9.92
N ASN A 486 -21.89 9.78 -11.17
CA ASN A 486 -22.96 9.90 -12.16
C ASN A 486 -23.61 8.53 -12.28
N ASP A 487 -24.89 8.45 -11.87
CA ASP A 487 -25.71 7.24 -11.77
C ASP A 487 -25.00 6.18 -10.93
N PRO A 488 -24.94 6.31 -9.60
CA PRO A 488 -24.29 5.29 -8.78
C PRO A 488 -25.11 4.01 -8.75
N GLN A 489 -24.44 2.90 -9.03
CA GLN A 489 -25.05 1.58 -8.86
C GLN A 489 -24.84 1.04 -7.46
N PHE A 490 -24.09 1.76 -6.63
CA PHE A 490 -23.73 1.35 -5.28
C PHE A 490 -23.20 2.57 -4.55
N VAL A 491 -23.42 2.60 -3.25
CA VAL A 491 -22.79 3.64 -2.43
C VAL A 491 -21.33 3.28 -2.24
N ASP A 492 -20.46 4.26 -2.47
CA ASP A 492 -19.03 4.04 -2.40
C ASP A 492 -18.57 4.33 -0.98
N PHE A 493 -17.48 3.65 -0.59
CA PHE A 493 -16.97 3.60 0.78
C PHE A 493 -18.05 3.14 1.74
N ALA A 494 -18.72 2.06 1.35
CA ALA A 494 -19.85 1.44 2.04
C ALA A 494 -20.09 0.07 1.42
N PRO A 495 -20.66 -0.91 2.16
CA PRO A 495 -20.79 -2.27 1.62
C PRO A 495 -21.73 -2.44 0.45
N ASP A 496 -21.85 -3.68 -0.04
CA ASP A 496 -22.80 -3.99 -1.09
C ASP A 496 -23.71 -5.13 -0.64
N SER A 497 -24.47 -5.69 -1.59
CA SER A 497 -25.37 -6.79 -1.26
C SER A 497 -24.61 -8.03 -0.80
N THR A 498 -23.38 -8.21 -1.28
CA THR A 498 -22.51 -9.26 -0.76
C THR A 498 -22.09 -8.95 0.67
N GLY A 499 -21.87 -7.69 0.98
CA GLY A 499 -21.40 -7.28 2.28
C GLY A 499 -19.94 -6.92 2.33
N GLU A 500 -19.26 -6.86 1.18
CA GLU A 500 -17.85 -6.49 1.11
C GLU A 500 -17.73 -4.98 0.96
N TYR A 501 -16.64 -4.44 1.51
CA TYR A 501 -16.46 -3.00 1.59
C TYR A 501 -15.94 -2.48 0.25
N ARG A 502 -16.72 -1.63 -0.39
CA ARG A 502 -16.46 -1.22 -1.76
C ARG A 502 -15.84 0.17 -1.76
N THR A 503 -14.58 0.25 -2.16
CA THR A 503 -13.92 1.51 -2.46
C THR A 503 -13.62 1.55 -3.96
N THR A 504 -13.79 2.73 -4.56
CA THR A 504 -13.55 2.88 -5.98
C THR A 504 -12.34 3.75 -6.27
N ARG A 505 -12.19 4.87 -5.58
CA ARG A 505 -11.17 5.82 -5.96
C ARG A 505 -10.32 6.20 -4.75
N PRO A 506 -9.04 6.48 -4.96
CA PRO A 506 -8.20 6.92 -3.85
C PRO A 506 -8.44 8.39 -3.56
N ILE A 507 -8.19 8.76 -2.31
CA ILE A 507 -8.47 10.11 -1.84
C ILE A 507 -7.16 10.73 -1.38
N GLY A 508 -6.80 11.86 -1.97
CA GLY A 508 -5.57 12.54 -1.65
C GLY A 508 -5.65 13.38 -0.40
N THR A 509 -4.80 14.40 -0.33
CA THR A 509 -4.92 15.42 0.71
C THR A 509 -4.87 16.81 0.11
N ARG A 510 -4.15 16.98 -0.99
CA ARG A 510 -4.00 18.31 -1.57
C ARG A 510 -5.29 18.68 -2.31
N TYR A 511 -6.22 19.28 -1.58
CA TYR A 511 -7.39 19.91 -2.18
C TYR A 511 -7.50 21.39 -1.88
N LEU A 512 -7.03 21.83 -0.72
CA LEU A 512 -6.88 23.26 -0.47
C LEU A 512 -5.78 23.79 -1.37
N THR A 513 -5.82 25.07 -1.63
CA THR A 513 -4.88 25.67 -2.56
C THR A 513 -4.19 26.82 -1.85
N ARG A 514 -2.92 27.04 -2.18
CA ARG A 514 -2.12 27.99 -1.44
C ARG A 514 -1.03 28.56 -2.32
N PRO A 515 -0.82 29.89 -2.32
CA PRO A 515 0.23 30.44 -3.18
C PRO A 515 1.61 30.18 -2.63
N LEU A 516 2.57 30.05 -3.54
CA LEU A 516 3.98 29.91 -3.15
C LEU A 516 4.49 31.23 -2.57
N VAL B 1 -13.80 -38.13 6.01
CA VAL B 1 -12.96 -38.13 4.81
C VAL B 1 -13.81 -37.89 3.57
N ILE B 2 -13.48 -36.84 2.83
CA ILE B 2 -14.18 -36.49 1.59
C ILE B 2 -13.16 -36.50 0.46
N LYS B 3 -13.49 -37.17 -0.63
CA LYS B 3 -12.56 -37.34 -1.73
C LYS B 3 -12.61 -36.14 -2.68
N GLU B 4 -11.82 -36.22 -3.75
CA GLU B 4 -11.56 -35.09 -4.63
C GLU B 4 -12.07 -35.34 -6.04
N LEU B 5 -11.99 -34.30 -6.87
CA LEU B 5 -12.38 -34.36 -8.27
C LEU B 5 -11.63 -33.26 -9.03
N VAL B 6 -11.95 -33.11 -10.32
CA VAL B 6 -11.24 -32.21 -11.23
C VAL B 6 -12.24 -31.22 -11.81
N VAL B 7 -11.88 -29.93 -11.76
CA VAL B 7 -12.65 -28.85 -12.38
C VAL B 7 -11.79 -28.24 -13.47
N SER B 8 -12.29 -28.24 -14.71
CA SER B 8 -11.53 -27.74 -15.84
C SER B 8 -12.45 -27.22 -16.94
N ALA B 9 -12.57 -25.89 -17.03
CA ALA B 9 -13.40 -25.30 -18.07
C ALA B 9 -12.82 -24.02 -18.66
N GLY B 10 -11.63 -23.62 -18.22
CA GLY B 10 -11.11 -22.29 -18.56
C GLY B 10 -11.53 -21.28 -17.50
N GLU B 11 -10.67 -20.43 -16.88
CA GLU B 11 -9.25 -20.10 -17.14
C GLU B 11 -8.98 -19.55 -18.54
N SER B 12 -9.36 -18.27 -18.76
CA SER B 12 -9.26 -17.56 -20.04
C SER B 12 -10.16 -18.26 -21.06
N VAL B 13 -11.48 -18.06 -20.95
CA VAL B 13 -12.23 -16.83 -21.34
C VAL B 13 -11.62 -15.41 -21.27
N GLN B 14 -11.67 -14.75 -22.43
CA GLN B 14 -10.97 -13.50 -22.73
C GLN B 14 -11.91 -12.56 -23.49
N ILE B 15 -13.13 -12.35 -22.98
CA ILE B 15 -14.16 -11.61 -23.71
C ILE B 15 -13.85 -10.12 -23.78
N THR B 16 -14.60 -9.40 -24.63
CA THR B 16 -14.29 -8.02 -24.96
C THR B 16 -15.60 -7.24 -25.12
N LEU B 17 -15.63 -6.03 -24.58
CA LEU B 17 -16.77 -5.12 -24.75
C LEU B 17 -16.96 -4.79 -26.23
N PRO B 18 -18.22 -4.55 -26.66
CA PRO B 18 -19.50 -4.48 -25.92
C PRO B 18 -20.11 -5.84 -25.56
N LYS B 19 -19.63 -6.91 -26.21
CA LYS B 19 -20.15 -8.26 -25.97
C LYS B 19 -19.60 -8.77 -24.64
N ASN B 20 -20.23 -8.34 -23.55
CA ASN B 20 -19.81 -8.69 -22.21
C ASN B 20 -20.60 -9.85 -21.60
N GLU B 21 -21.77 -10.17 -22.13
CA GLU B 21 -22.61 -11.21 -21.54
C GLU B 21 -22.03 -12.59 -21.81
N VAL B 22 -21.53 -13.25 -20.77
CA VAL B 22 -20.87 -14.54 -20.90
C VAL B 22 -21.49 -15.50 -19.89
N GLN B 23 -21.43 -16.81 -20.17
CA GLN B 23 -21.80 -17.83 -19.20
C GLN B 23 -20.69 -18.87 -19.12
N LEU B 24 -20.50 -19.45 -17.94
CA LEU B 24 -19.38 -20.34 -17.67
C LEU B 24 -19.88 -21.73 -17.31
N ASN B 25 -19.31 -22.74 -17.97
CA ASN B 25 -19.71 -24.13 -17.74
C ASN B 25 -18.98 -24.73 -16.55
N ALA B 26 -19.35 -25.96 -16.18
CA ALA B 26 -18.84 -26.63 -15.00
C ALA B 26 -18.51 -28.09 -15.34
N TYR B 27 -17.66 -28.27 -16.35
CA TYR B 27 -17.13 -29.59 -16.72
C TYR B 27 -16.52 -30.31 -15.53
N VAL B 28 -16.90 -31.58 -15.36
CA VAL B 28 -16.51 -32.38 -14.21
C VAL B 28 -15.75 -33.61 -14.71
N LEU B 29 -14.58 -33.86 -14.12
CA LEU B 29 -13.85 -35.10 -14.28
C LEU B 29 -13.67 -35.76 -12.92
N GLN B 30 -13.90 -37.08 -12.84
CA GLN B 30 -14.31 -37.93 -13.95
C GLN B 30 -15.83 -38.00 -14.13
N GLU B 31 -16.28 -38.96 -14.92
CA GLU B 31 -17.68 -39.18 -15.28
C GLU B 31 -18.49 -39.54 -14.04
N PRO B 32 -19.45 -38.70 -13.64
CA PRO B 32 -20.22 -38.99 -12.43
C PRO B 32 -21.31 -40.00 -12.71
N PRO B 33 -21.72 -40.77 -11.70
CA PRO B 33 -22.91 -41.61 -11.86
C PRO B 33 -24.18 -40.75 -11.89
N LYS B 34 -25.27 -41.39 -12.32
CA LYS B 34 -26.54 -40.67 -12.44
C LYS B 34 -27.19 -40.41 -11.10
N GLY B 35 -26.73 -41.06 -10.03
CA GLY B 35 -27.34 -40.85 -8.73
C GLY B 35 -26.67 -39.76 -7.90
N GLU B 36 -25.39 -39.51 -8.13
CA GLU B 36 -24.64 -38.54 -7.34
C GLU B 36 -25.00 -37.13 -7.78
N THR B 37 -25.55 -36.34 -6.86
CA THR B 37 -25.93 -34.97 -7.14
C THR B 37 -24.82 -34.03 -6.67
N TYR B 38 -24.46 -33.08 -7.54
CA TYR B 38 -23.41 -32.11 -7.27
C TYR B 38 -24.03 -30.78 -6.84
N THR B 39 -23.41 -30.13 -5.86
CA THR B 39 -23.75 -28.78 -5.47
C THR B 39 -22.57 -27.88 -5.81
N TYR B 40 -22.86 -26.73 -6.42
CA TYR B 40 -21.85 -25.79 -6.88
C TYR B 40 -21.92 -24.53 -6.04
N ASP B 41 -20.84 -23.75 -6.08
CA ASP B 41 -20.77 -22.53 -5.29
C ASP B 41 -19.86 -21.54 -6.02
N TRP B 42 -20.45 -20.65 -6.79
CA TRP B 42 -19.71 -19.62 -7.51
C TRP B 42 -19.51 -18.41 -6.60
N GLN B 43 -18.28 -17.98 -6.43
CA GLN B 43 -17.96 -16.81 -5.61
C GLN B 43 -17.04 -15.88 -6.38
N LEU B 44 -17.37 -14.60 -6.38
CA LEU B 44 -16.55 -13.58 -7.03
C LEU B 44 -15.49 -13.11 -6.04
N ILE B 45 -14.22 -13.31 -6.38
CA ILE B 45 -13.14 -12.93 -5.50
C ILE B 45 -12.42 -11.66 -5.95
N THR B 46 -12.35 -11.39 -7.26
CA THR B 46 -11.90 -10.10 -7.75
C THR B 46 -12.81 -9.61 -8.86
N HIS B 47 -12.95 -8.28 -8.93
CA HIS B 47 -13.79 -7.61 -9.90
C HIS B 47 -13.30 -6.17 -10.01
N PRO B 48 -13.61 -5.47 -11.09
CA PRO B 48 -13.27 -4.06 -11.20
C PRO B 48 -13.96 -3.19 -10.16
N ARG B 49 -13.45 -1.96 -10.04
CA ARG B 49 -13.91 -1.05 -9.01
C ARG B 49 -15.30 -0.49 -9.31
N ASP B 50 -15.67 -0.38 -10.58
CA ASP B 50 -16.97 0.13 -10.98
C ASP B 50 -17.98 -0.98 -11.21
N TYR B 51 -17.75 -2.16 -10.65
CA TYR B 51 -18.61 -3.30 -10.90
C TYR B 51 -19.86 -3.23 -10.03
N SER B 52 -21.02 -3.44 -10.64
CA SER B 52 -22.29 -3.21 -9.98
C SER B 52 -22.70 -4.42 -9.13
N GLY B 53 -22.77 -5.59 -9.76
CA GLY B 53 -23.06 -6.83 -9.07
C GLY B 53 -24.40 -7.41 -9.45
N GLU B 54 -24.39 -8.35 -10.39
CA GLU B 54 -25.55 -9.15 -10.77
C GLU B 54 -25.13 -10.59 -11.02
N MET B 55 -24.28 -11.15 -10.17
CA MET B 55 -23.70 -12.47 -10.42
C MET B 55 -24.05 -13.49 -9.36
N GLU B 56 -24.97 -13.17 -8.43
CA GLU B 56 -25.14 -13.87 -7.15
C GLU B 56 -25.30 -15.37 -7.30
N GLY B 57 -24.74 -16.12 -6.34
CA GLY B 57 -24.41 -17.53 -6.48
C GLY B 57 -25.56 -18.43 -6.86
N LYS B 58 -25.55 -18.88 -8.12
CA LYS B 58 -26.66 -19.64 -8.67
C LYS B 58 -26.73 -21.05 -8.10
N HIS B 59 -25.60 -21.57 -7.58
CA HIS B 59 -25.45 -22.94 -7.10
C HIS B 59 -25.82 -23.96 -8.18
N SER B 60 -25.55 -23.61 -9.43
CA SER B 60 -25.96 -24.41 -10.58
C SER B 60 -24.79 -24.45 -11.56
N GLN B 61 -24.98 -25.20 -12.64
CA GLN B 61 -23.92 -25.34 -13.63
C GLN B 61 -23.78 -24.09 -14.48
N ILE B 62 -24.87 -23.36 -14.69
CA ILE B 62 -24.86 -22.15 -15.49
C ILE B 62 -24.65 -20.95 -14.57
N LEU B 63 -23.67 -20.11 -14.90
CA LEU B 63 -23.42 -18.85 -14.21
C LEU B 63 -23.71 -17.71 -15.17
N LYS B 64 -24.84 -17.05 -15.01
CA LYS B 64 -25.09 -15.83 -15.76
C LYS B 64 -24.26 -14.69 -15.21
N LEU B 65 -23.96 -13.72 -16.06
CA LEU B 65 -23.01 -12.67 -15.69
C LEU B 65 -23.28 -11.47 -16.57
N SER B 66 -23.64 -10.33 -15.96
CA SER B 66 -24.08 -9.16 -16.70
C SER B 66 -23.44 -7.91 -16.12
N LYS B 67 -23.56 -6.82 -16.90
CA LYS B 67 -23.11 -5.46 -16.54
C LYS B 67 -21.61 -5.42 -16.22
N LEU B 68 -20.81 -5.95 -17.14
CA LEU B 68 -19.38 -6.11 -16.90
C LEU B 68 -18.63 -4.87 -17.33
N THR B 69 -18.14 -4.12 -16.36
CA THR B 69 -17.12 -3.13 -16.62
C THR B 69 -15.81 -3.83 -17.01
N PRO B 70 -14.96 -3.20 -17.82
CA PRO B 70 -13.74 -3.89 -18.28
C PRO B 70 -12.72 -4.05 -17.16
N GLY B 71 -12.15 -5.24 -17.09
CA GLY B 71 -11.16 -5.54 -16.07
C GLY B 71 -10.98 -7.05 -15.95
N LEU B 72 -10.51 -7.46 -14.78
CA LEU B 72 -10.27 -8.87 -14.48
C LEU B 72 -11.34 -9.38 -13.52
N TYR B 73 -11.91 -10.53 -13.85
CA TYR B 73 -12.89 -11.22 -13.02
C TYR B 73 -12.31 -12.58 -12.65
N GLU B 74 -12.40 -12.93 -11.37
CA GLU B 74 -11.99 -14.26 -10.93
C GLU B 74 -13.10 -14.90 -10.11
N PHE B 75 -13.44 -16.13 -10.45
CA PHE B 75 -14.54 -16.85 -9.81
C PHE B 75 -13.98 -18.11 -9.17
N LYS B 76 -14.24 -18.27 -7.88
CA LYS B 76 -13.90 -19.49 -7.17
C LYS B 76 -15.14 -20.37 -7.16
N VAL B 77 -15.13 -21.41 -7.98
CA VAL B 77 -16.21 -22.38 -8.00
C VAL B 77 -15.85 -23.53 -7.08
N ILE B 78 -16.84 -24.00 -6.31
CA ILE B 78 -16.65 -25.05 -5.31
C ILE B 78 -17.59 -26.18 -5.65
N VAL B 79 -17.05 -27.30 -6.12
CA VAL B 79 -17.86 -28.46 -6.49
C VAL B 79 -17.90 -29.43 -5.31
N GLU B 80 -19.09 -29.70 -4.81
CA GLU B 80 -19.28 -30.51 -3.62
C GLU B 80 -20.27 -31.63 -3.93
N GLY B 81 -19.85 -32.86 -3.66
CA GLY B 81 -20.70 -34.02 -3.88
C GLY B 81 -20.92 -34.81 -2.61
N GLN B 82 -21.46 -36.02 -2.74
CA GLN B 82 -21.74 -36.85 -1.57
C GLN B 82 -20.46 -37.34 -0.91
N ASN B 83 -19.51 -37.83 -1.71
CA ASN B 83 -18.20 -38.21 -1.20
C ASN B 83 -17.13 -37.73 -2.19
N ALA B 84 -17.27 -36.50 -2.66
CA ALA B 84 -16.36 -35.91 -3.63
C ALA B 84 -16.38 -34.39 -3.47
N HIS B 85 -15.21 -33.77 -3.53
CA HIS B 85 -15.09 -32.34 -3.28
C HIS B 85 -13.91 -31.78 -4.06
N GLY B 86 -14.20 -30.94 -5.06
CA GLY B 86 -13.19 -30.29 -5.84
C GLY B 86 -13.48 -28.81 -6.00
N GLU B 87 -12.53 -28.10 -6.60
CA GLU B 87 -12.67 -26.67 -6.78
C GLU B 87 -11.85 -26.23 -7.99
N GLY B 88 -12.23 -25.09 -8.55
CA GLY B 88 -11.55 -24.56 -9.71
C GLY B 88 -11.64 -23.05 -9.75
N TYR B 89 -10.87 -22.48 -10.67
CA TYR B 89 -10.84 -21.03 -10.87
C TYR B 89 -11.01 -20.71 -12.35
N VAL B 90 -11.41 -19.48 -12.63
CA VAL B 90 -11.62 -19.00 -13.99
C VAL B 90 -11.32 -17.51 -14.04
N ASN B 91 -10.44 -17.12 -14.96
CA ASN B 91 -10.06 -15.73 -15.16
C ASN B 91 -10.85 -15.19 -16.34
N VAL B 92 -11.86 -14.38 -16.07
CA VAL B 92 -12.57 -13.65 -17.11
C VAL B 92 -11.92 -12.28 -17.21
N THR B 93 -11.40 -11.95 -18.39
CA THR B 93 -10.66 -10.72 -18.62
C THR B 93 -11.41 -9.92 -19.66
N VAL B 94 -12.17 -8.92 -19.23
CA VAL B 94 -12.99 -8.10 -20.11
C VAL B 94 -12.15 -6.92 -20.57
N LYS B 95 -12.03 -6.75 -21.86
CA LYS B 95 -11.27 -5.67 -22.43
C LYS B 95 -12.18 -4.52 -22.84
N PRO B 96 -11.71 -3.27 -22.76
CA PRO B 96 -12.53 -2.14 -23.23
C PRO B 96 -12.54 -2.03 -24.75
N GLU B 97 -13.14 -0.95 -25.25
CA GLU B 97 -13.26 -0.73 -26.69
C GLU B 97 -11.91 -0.47 -27.36
#